data_9U5A
#
_entry.id   9U5A
#
loop_
_entity.id
_entity.type
_entity.pdbx_description
1 polymer 'Solute carrier family 22 member 11'
2 non-polymer '17-oxoandrost-5-en-3beta-yl hydrogen sulfate'
#
_entity_poly.entity_id   1
_entity_poly.type   'polypeptide(L)'
_entity_poly.pdbx_seq_one_letter_code
;MAFSKLLEQAGGVGLFQTLQVLTFILPCLMIPSQMLLENFSAAIPGHRCWTHMLDNGSAVSTNMTPKALLTISIPPGPNQ
GPHQCRRFRQPQWQLLDPNATATSWSEADTEPCVDGWVYDRSVFTSTIVAKWDLVCSSQGLKPLSQSIFMSGILVGSFIW
GLLSYRFGRKPMLSWCCLQLAVAGTSTIFAPTFVIYCGLRFVAAFGMAGIFLSSLTLMVEWTTTSRRAVTMTVVGCAFSA
GQAALGGLAFALRDWRTLQLAASVPFFAISLISWWLPESARWLIIKGKPDQALQELRKVARINGHKEAKNLTIEVLMSSV
KEEVASAKEPRSVLDLFCVPVLRWRSCAMLVVNFSLLISYYGLVFDLQSLGRDIFLLQALFGAVDFLGRATTALLLSFLG
RRTIQAGSQAMAGLAILANMLVPQDLQTLRVVFAVLGKGCFGISLTCLTIYKAELFPTPVRMTADGILHTVGRLGAMMGP
LILMSRQALPLLPPLLYGVISIASSLVVLFFLPETQGLPLPDTIQDLESQKSTAAQGNRQEAVTVESTSLHHHHHHHHHH
GSVEDYKDDDDK
;
_entity_poly.pdbx_strand_id   A
#
# COMPACT_ATOMS: atom_id res chain seq x y z
N ALA A 2 -35.94 -0.77 0.18
CA ALA A 2 -36.89 0.21 -0.34
C ALA A 2 -36.27 1.59 -0.53
N PHE A 3 -35.26 1.90 0.27
CA PHE A 3 -34.61 3.20 0.20
C PHE A 3 -33.97 3.37 -1.16
N SER A 4 -33.58 2.27 -1.78
CA SER A 4 -33.07 2.37 -3.13
C SER A 4 -34.18 2.90 -4.01
N LYS A 5 -35.41 2.48 -3.76
CA LYS A 5 -36.55 2.94 -4.56
C LYS A 5 -36.81 4.42 -4.44
N LEU A 6 -36.78 4.92 -3.21
CA LEU A 6 -37.02 6.34 -2.95
C LEU A 6 -36.00 7.11 -3.72
N LEU A 7 -34.75 6.70 -3.59
CA LEU A 7 -33.70 7.37 -4.31
C LEU A 7 -34.03 7.29 -5.80
N PHE A 16 -26.37 13.57 -10.04
CA PHE A 16 -25.69 13.73 -8.76
C PHE A 16 -24.84 12.51 -8.45
N GLN A 17 -25.18 11.39 -9.06
CA GLN A 17 -24.35 10.21 -8.86
C GLN A 17 -23.07 10.34 -9.70
N THR A 18 -23.20 10.77 -10.95
CA THR A 18 -22.03 10.93 -11.81
C THR A 18 -21.06 11.91 -11.19
N LEU A 19 -21.55 13.07 -10.78
CA LEU A 19 -20.70 14.08 -10.16
C LEU A 19 -20.06 13.55 -8.89
N GLN A 20 -20.85 12.87 -8.07
CA GLN A 20 -20.37 12.36 -6.78
C GLN A 20 -19.23 11.38 -6.92
N VAL A 21 -19.40 10.38 -7.75
CA VAL A 21 -18.34 9.43 -7.97
C VAL A 21 -17.10 10.20 -8.37
N LEU A 22 -17.26 11.23 -9.19
CA LEU A 22 -16.12 12.03 -9.62
C LEU A 22 -15.47 12.78 -8.46
N THR A 23 -16.28 13.41 -7.61
CA THR A 23 -15.73 14.10 -6.46
C THR A 23 -15.03 13.08 -5.61
N PHE A 24 -15.16 11.82 -5.97
CA PHE A 24 -14.46 10.76 -5.25
C PHE A 24 -13.30 10.11 -5.99
N ILE A 25 -13.27 10.21 -7.31
CA ILE A 25 -12.15 9.67 -8.06
C ILE A 25 -10.87 10.36 -7.60
N LEU A 26 -10.93 11.64 -7.27
CA LEU A 26 -9.74 12.37 -6.82
C LEU A 26 -9.12 11.80 -5.54
N PRO A 27 -9.92 11.62 -4.44
CA PRO A 27 -9.22 11.00 -3.31
C PRO A 27 -8.75 9.61 -3.66
N CYS A 28 -9.47 8.88 -4.49
CA CYS A 28 -9.10 7.51 -4.80
C CYS A 28 -7.86 7.46 -5.68
N LEU A 29 -7.56 8.52 -6.42
CA LEU A 29 -6.37 8.55 -7.26
C LEU A 29 -5.15 8.93 -6.45
N MET A 30 -5.34 9.53 -5.27
CA MET A 30 -4.20 9.99 -4.47
C MET A 30 -3.96 9.17 -3.23
N ILE A 31 -4.88 8.28 -2.90
CA ILE A 31 -4.67 7.40 -1.77
C ILE A 31 -3.53 6.40 -2.02
N PRO A 32 -3.51 5.70 -3.19
CA PRO A 32 -2.40 4.76 -3.32
C PRO A 32 -1.03 5.42 -3.25
N SER A 33 -0.92 6.66 -3.70
CA SER A 33 0.34 7.36 -3.62
C SER A 33 0.76 7.57 -2.17
N GLN A 34 -0.19 7.85 -1.30
CA GLN A 34 0.14 8.15 0.10
C GLN A 34 0.47 6.90 0.91
N MET A 35 -0.07 5.76 0.54
CA MET A 35 0.24 4.53 1.24
C MET A 35 1.54 3.94 0.73
N LEU A 36 1.69 3.90 -0.57
CA LEU A 36 2.87 3.27 -1.15
C LEU A 36 3.92 4.28 -1.55
N LEU A 37 4.08 5.34 -0.76
CA LEU A 37 5.04 6.39 -1.06
C LEU A 37 6.39 5.98 -0.62
N GLU A 38 6.47 5.24 0.49
CA GLU A 38 7.76 4.88 1.06
C GLU A 38 8.49 3.83 0.26
N ASN A 39 8.02 3.53 -0.93
CA ASN A 39 8.75 2.60 -1.76
C ASN A 39 9.67 3.47 -2.56
N PHE A 40 9.34 4.75 -2.68
CA PHE A 40 10.20 5.69 -3.41
C PHE A 40 10.84 6.75 -2.54
N SER A 41 10.13 7.26 -1.53
CA SER A 41 10.71 8.24 -0.61
C SER A 41 11.67 7.58 0.34
N ALA A 42 11.50 6.28 0.57
CA ALA A 42 12.37 5.55 1.48
C ALA A 42 13.19 4.51 0.75
N ALA A 43 13.48 4.73 -0.52
CA ALA A 43 14.21 3.74 -1.28
C ALA A 43 15.59 3.60 -0.73
N ILE A 44 16.18 2.43 -0.89
CA ILE A 44 17.50 2.17 -0.32
C ILE A 44 18.58 2.36 -1.35
N PRO A 45 19.41 3.40 -1.17
CA PRO A 45 20.44 3.70 -2.16
C PRO A 45 21.72 2.94 -1.93
N GLY A 46 22.54 2.67 -2.92
CA GLY A 46 23.82 2.03 -2.64
C GLY A 46 24.60 2.72 -1.52
N HIS A 47 24.84 2.02 -0.41
CA HIS A 47 25.52 2.62 0.73
C HIS A 47 26.81 1.93 1.09
N ARG A 48 27.77 2.67 1.61
CA ARG A 48 29.03 2.07 2.04
C ARG A 48 29.55 2.79 3.26
N CYS A 49 30.49 2.19 3.99
CA CYS A 49 31.07 2.86 5.15
C CYS A 49 31.82 4.12 4.76
N TRP A 50 31.82 5.10 5.66
CA TRP A 50 32.59 6.30 5.43
C TRP A 50 33.95 5.88 5.90
N THR A 51 34.96 6.02 5.05
CA THR A 51 36.30 5.63 5.43
C THR A 51 37.19 6.83 5.26
N HIS A 52 38.26 6.89 6.04
CA HIS A 52 39.18 8.01 5.96
C HIS A 52 39.83 8.08 4.59
N MET A 53 40.08 6.94 3.99
CA MET A 53 40.77 6.91 2.70
C MET A 53 39.92 7.31 1.50
N LEU A 54 38.61 7.46 1.68
CA LEU A 54 37.74 7.78 0.55
C LEU A 54 36.98 9.10 0.64
N ASP A 55 36.71 9.59 1.85
CA ASP A 55 35.93 10.80 2.04
C ASP A 55 36.72 11.90 2.72
N ASN A 56 37.98 11.65 3.07
CA ASN A 56 38.80 12.71 3.63
C ASN A 56 39.84 13.03 2.58
N LYS A 67 39.29 4.37 -7.42
CA LYS A 67 38.65 3.05 -7.43
C LYS A 67 39.45 2.06 -6.61
N ALA A 68 40.77 2.12 -6.74
CA ALA A 68 41.63 1.24 -5.97
C ALA A 68 41.51 1.53 -4.48
N LEU A 69 41.33 2.80 -4.13
CA LEU A 69 41.18 3.17 -2.73
C LEU A 69 39.95 2.52 -2.11
N LEU A 70 38.90 2.32 -2.89
CA LEU A 70 37.74 1.61 -2.36
C LEU A 70 38.10 0.23 -1.81
N THR A 71 38.80 -0.58 -2.59
CA THR A 71 39.13 -1.95 -2.17
C THR A 71 39.91 -1.99 -0.87
N ILE A 72 40.98 -1.21 -0.80
CA ILE A 72 41.81 -1.24 0.39
C ILE A 72 41.02 -0.76 1.61
N SER A 73 40.21 0.28 1.45
CA SER A 73 39.36 0.74 2.54
C SER A 73 38.19 -0.15 2.90
N ILE A 74 37.46 -0.68 1.91
CA ILE A 74 36.23 -1.47 2.21
C ILE A 74 36.25 -2.88 1.64
N PRO A 75 35.98 -3.91 2.52
CA PRO A 75 36.09 -5.31 2.07
C PRO A 75 35.12 -5.82 1.04
N PRO A 76 35.36 -7.07 0.52
CA PRO A 76 34.32 -7.60 -0.37
C PRO A 76 33.01 -7.85 0.34
N GLY A 77 31.95 -8.16 -0.40
CA GLY A 77 30.64 -8.34 0.20
C GLY A 77 29.96 -9.63 -0.19
N PRO A 82 31.24 -4.19 -2.92
CA PRO A 82 31.62 -3.49 -1.68
C PRO A 82 30.65 -3.80 -0.55
N HIS A 83 31.15 -4.24 0.60
CA HIS A 83 30.28 -4.63 1.69
C HIS A 83 29.52 -3.37 2.07
N GLN A 84 28.25 -3.51 2.41
CA GLN A 84 27.45 -2.35 2.72
C GLN A 84 27.36 -2.04 4.20
N CYS A 85 28.19 -2.67 5.03
CA CYS A 85 28.06 -2.48 6.48
C CYS A 85 29.34 -2.32 7.26
N ARG A 86 30.44 -2.83 6.73
CA ARG A 86 31.69 -2.78 7.46
C ARG A 86 32.89 -2.32 6.66
N ARG A 87 33.94 -1.87 7.33
CA ARG A 87 35.12 -1.37 6.65
C ARG A 87 36.38 -1.83 7.33
N PHE A 88 37.48 -1.84 6.59
CA PHE A 88 38.76 -2.23 7.17
C PHE A 88 39.26 -1.18 8.14
N ARG A 89 39.64 -1.60 9.33
CA ARG A 89 40.17 -0.67 10.33
C ARG A 89 41.43 -0.03 9.80
N GLN A 90 42.33 -0.83 9.27
CA GLN A 90 43.56 -0.31 8.70
C GLN A 90 43.55 -0.65 7.24
N PRO A 91 43.92 0.30 6.37
CA PRO A 91 43.80 -0.01 4.95
C PRO A 91 44.68 -1.18 4.58
N GLN A 92 44.16 -2.11 3.79
CA GLN A 92 44.96 -3.22 3.34
C GLN A 92 45.67 -2.85 2.06
N TRP A 93 46.85 -2.26 2.17
CA TRP A 93 47.63 -1.92 0.99
C TRP A 93 48.21 -3.22 0.49
N GLN A 94 47.77 -4.33 1.07
CA GLN A 94 48.28 -5.63 0.69
C GLN A 94 47.57 -6.13 -0.55
N LEU A 95 46.46 -5.51 -0.90
CA LEU A 95 45.63 -6.07 -1.98
C LEU A 95 46.00 -5.64 -3.36
N TRP A 105 43.24 -11.27 4.01
CA TRP A 105 42.73 -10.50 5.13
C TRP A 105 41.92 -11.37 6.08
N SER A 106 41.53 -10.80 7.21
CA SER A 106 40.75 -11.56 8.18
C SER A 106 39.51 -10.76 8.57
N GLU A 107 38.44 -11.46 8.94
CA GLU A 107 37.23 -10.76 9.38
C GLU A 107 37.58 -9.88 10.56
N ALA A 108 38.69 -10.17 11.21
CA ALA A 108 39.13 -9.34 12.33
C ALA A 108 39.66 -7.95 11.98
N ASP A 109 39.89 -7.70 10.70
CA ASP A 109 40.32 -6.36 10.31
C ASP A 109 39.12 -5.53 9.93
N THR A 110 37.93 -6.01 10.26
CA THR A 110 36.71 -5.30 9.90
C THR A 110 36.05 -4.65 11.10
N GLU A 111 35.50 -3.46 10.90
CA GLU A 111 34.85 -2.74 11.96
C GLU A 111 33.53 -2.16 11.42
N PRO A 112 32.43 -2.17 12.21
CA PRO A 112 31.20 -1.54 11.69
C PRO A 112 31.42 -0.05 11.43
N CYS A 113 30.58 0.55 10.59
CA CYS A 113 30.78 1.96 10.25
C CYS A 113 30.51 2.66 11.56
N VAL A 114 31.56 3.05 12.28
CA VAL A 114 31.43 3.99 13.37
C VAL A 114 31.22 5.41 12.87
N ASP A 115 31.89 5.77 11.79
CA ASP A 115 31.82 7.14 11.27
C ASP A 115 30.66 7.42 10.33
N GLY A 116 29.84 6.43 10.02
CA GLY A 116 28.69 6.68 9.17
C GLY A 116 28.77 6.16 7.75
N TRP A 117 27.84 6.55 6.89
CA TRP A 117 27.81 5.98 5.55
C TRP A 117 27.87 7.00 4.42
N VAL A 118 28.25 6.57 3.22
CA VAL A 118 28.26 7.48 2.07
C VAL A 118 27.34 6.92 1.03
N TYR A 119 26.12 7.45 0.96
CA TYR A 119 25.13 6.92 0.04
C TYR A 119 25.28 7.39 -1.39
N ASP A 120 24.89 6.54 -2.33
CA ASP A 120 24.97 6.91 -3.74
C ASP A 120 23.79 7.78 -4.11
N ARG A 121 24.03 8.84 -4.87
CA ARG A 121 22.95 9.74 -5.23
C ARG A 121 22.67 9.69 -6.72
N SER A 122 23.22 8.69 -7.40
CA SER A 122 22.99 8.55 -8.83
C SER A 122 21.55 8.28 -9.22
N VAL A 123 20.88 7.39 -8.51
CA VAL A 123 19.49 7.05 -8.83
C VAL A 123 18.52 7.80 -7.96
N PHE A 124 18.78 7.86 -6.66
CA PHE A 124 17.87 8.51 -5.74
C PHE A 124 18.58 9.69 -5.11
N THR A 125 18.14 10.90 -5.41
CA THR A 125 18.83 12.07 -4.90
C THR A 125 18.71 12.09 -3.40
N SER A 126 17.49 11.97 -2.88
CA SER A 126 17.30 11.95 -1.45
C SER A 126 16.25 10.98 -1.00
N THR A 127 16.60 10.15 -0.02
CA THR A 127 15.66 9.19 0.51
C THR A 127 15.77 9.23 2.01
N ILE A 128 14.71 8.88 2.70
CA ILE A 128 14.72 8.89 4.15
C ILE A 128 15.81 7.98 4.62
N VAL A 129 16.01 6.85 3.95
CA VAL A 129 17.02 5.88 4.35
C VAL A 129 18.38 6.54 4.49
N ALA A 130 18.60 7.62 3.78
CA ALA A 130 19.86 8.32 3.85
C ALA A 130 19.84 9.35 4.95
N LYS A 131 18.67 9.93 5.21
CA LYS A 131 18.57 10.97 6.21
C LYS A 131 18.78 10.43 7.60
N TRP A 132 18.07 9.38 7.94
CA TRP A 132 18.18 8.83 9.28
C TRP A 132 18.88 7.48 9.29
N ASP A 133 19.87 7.30 8.44
CA ASP A 133 20.64 6.07 8.40
C ASP A 133 19.83 4.83 8.70
N LEU A 134 18.81 4.56 7.90
CA LEU A 134 18.04 3.34 8.07
C LEU A 134 18.70 2.24 7.26
N VAL A 135 19.97 1.97 7.54
CA VAL A 135 20.70 0.92 6.84
C VAL A 135 21.41 0.03 7.84
N CYS A 136 21.88 -1.13 7.38
CA CYS A 136 22.56 -2.10 8.24
C CYS A 136 21.72 -2.60 9.39
N SER A 137 22.11 -2.31 10.61
CA SER A 137 21.40 -2.81 11.77
C SER A 137 20.02 -2.22 11.88
N SER A 138 19.82 -1.08 11.23
CA SER A 138 18.53 -0.42 11.27
C SER A 138 17.73 -0.68 10.00
N GLN A 139 18.14 -1.63 9.15
CA GLN A 139 17.44 -1.80 7.88
C GLN A 139 16.01 -2.22 8.05
N GLY A 140 15.61 -2.58 9.26
CA GLY A 140 14.25 -3.02 9.49
C GLY A 140 13.34 -1.88 9.84
N LEU A 141 13.90 -0.72 10.09
CA LEU A 141 13.10 0.40 10.46
C LEU A 141 12.27 0.87 9.27
N LYS A 142 12.75 0.68 8.04
CA LYS A 142 11.92 1.02 6.89
C LYS A 142 10.66 0.15 6.79
N PRO A 143 10.76 -1.22 6.91
CA PRO A 143 9.50 -1.96 6.91
C PRO A 143 8.59 -1.64 8.09
N LEU A 144 9.13 -1.31 9.26
CA LEU A 144 8.32 -0.90 10.38
C LEU A 144 7.56 0.40 10.11
N SER A 145 8.19 1.37 9.46
CA SER A 145 7.49 2.61 9.13
C SER A 145 6.28 2.28 8.31
N GLN A 146 6.38 1.28 7.45
CA GLN A 146 5.25 0.88 6.59
C GLN A 146 4.21 0.07 7.33
N SER A 147 4.55 -0.45 8.50
CA SER A 147 3.59 -1.17 9.32
C SER A 147 3.00 -0.28 10.39
N ILE A 148 3.65 0.84 10.71
CA ILE A 148 3.07 1.79 11.66
C ILE A 148 1.99 2.49 10.89
N PHE A 149 2.21 2.72 9.61
CA PHE A 149 1.19 3.31 8.77
C PHE A 149 0.00 2.38 8.71
N MET A 150 0.24 1.12 8.41
CA MET A 150 -0.85 0.14 8.30
C MET A 150 -1.60 -0.04 9.61
N SER A 151 -0.90 -0.03 10.74
CA SER A 151 -1.58 -0.09 12.03
C SER A 151 -2.39 1.17 12.19
N GLY A 152 -1.81 2.31 11.88
CA GLY A 152 -2.58 3.54 11.90
C GLY A 152 -3.85 3.43 11.10
N ILE A 153 -3.85 2.65 10.02
CA ILE A 153 -5.10 2.42 9.29
C ILE A 153 -6.09 1.57 10.12
N LEU A 154 -5.65 0.45 10.68
CA LEU A 154 -6.52 -0.41 11.50
C LEU A 154 -7.11 0.30 12.71
N VAL A 155 -6.27 0.94 13.51
CA VAL A 155 -6.73 1.66 14.68
C VAL A 155 -7.67 2.77 14.26
N GLY A 156 -7.40 3.38 13.11
CA GLY A 156 -8.22 4.47 12.64
C GLY A 156 -9.54 3.98 12.16
N SER A 157 -9.56 3.04 11.22
CA SER A 157 -10.81 2.52 10.70
C SER A 157 -11.71 2.05 11.83
N PHE A 158 -11.13 1.61 12.94
CA PHE A 158 -11.93 1.21 14.09
C PHE A 158 -12.54 2.41 14.77
N ILE A 159 -11.72 3.40 15.10
CA ILE A 159 -12.23 4.57 15.80
C ILE A 159 -13.25 5.33 14.96
N TRP A 160 -12.96 5.52 13.68
CA TRP A 160 -13.87 6.32 12.88
C TRP A 160 -15.19 5.61 12.80
N GLY A 161 -15.17 4.29 12.89
CA GLY A 161 -16.42 3.54 12.91
C GLY A 161 -17.24 3.85 14.14
N LEU A 162 -16.60 3.93 15.29
CA LEU A 162 -17.31 4.24 16.52
C LEU A 162 -17.85 5.65 16.45
N LEU A 163 -17.08 6.57 15.90
CA LEU A 163 -17.53 7.95 15.85
C LEU A 163 -18.55 8.17 14.75
N SER A 164 -18.77 7.15 13.93
CA SER A 164 -19.73 7.26 12.83
C SER A 164 -21.15 7.49 13.30
N TYR A 165 -21.56 6.84 14.39
CA TYR A 165 -22.89 7.11 14.90
C TYR A 165 -23.10 8.54 15.37
N ARG A 166 -22.10 9.14 15.99
CA ARG A 166 -22.23 10.49 16.49
C ARG A 166 -22.06 11.53 15.40
N PHE A 167 -21.02 11.41 14.59
CA PHE A 167 -20.72 12.42 13.56
C PHE A 167 -21.08 12.00 12.15
N GLY A 168 -21.39 12.97 11.29
CA GLY A 168 -21.78 12.67 9.92
C GLY A 168 -20.70 12.22 8.98
N ARG A 169 -21.08 11.58 7.89
CA ARG A 169 -20.12 11.08 6.92
C ARG A 169 -19.37 12.21 6.24
N LYS A 170 -20.08 13.27 5.87
CA LYS A 170 -19.43 14.41 5.21
C LYS A 170 -18.47 15.19 6.09
N PRO A 171 -18.86 15.50 7.34
CA PRO A 171 -17.86 16.15 8.17
C PRO A 171 -16.64 15.28 8.36
N MET A 172 -16.82 13.98 8.54
CA MET A 172 -15.71 13.06 8.70
C MET A 172 -14.84 13.00 7.45
N LEU A 173 -15.42 13.05 6.27
CA LEU A 173 -14.63 13.08 5.05
C LEU A 173 -13.80 14.34 5.01
N SER A 174 -14.41 15.48 5.32
CA SER A 174 -13.70 16.74 5.23
C SER A 174 -12.59 16.87 6.25
N TRP A 175 -12.86 16.49 7.49
CA TRP A 175 -11.82 16.50 8.48
C TRP A 175 -10.71 15.54 8.11
N CYS A 176 -11.04 14.29 7.83
CA CYS A 176 -10.01 13.31 7.53
C CYS A 176 -9.22 13.65 6.30
N CYS A 177 -9.73 14.52 5.43
CA CYS A 177 -8.94 14.97 4.29
C CYS A 177 -7.95 16.00 4.77
N LEU A 178 -8.38 16.91 5.63
CA LEU A 178 -7.47 17.89 6.21
C LEU A 178 -6.43 17.23 7.11
N GLN A 179 -6.85 16.30 7.96
CA GLN A 179 -5.89 15.61 8.82
C GLN A 179 -4.81 15.03 7.96
N LEU A 180 -5.15 14.25 6.95
CA LEU A 180 -4.15 13.69 6.04
C LEU A 180 -3.24 14.75 5.43
N ALA A 181 -3.82 15.86 4.98
CA ALA A 181 -3.05 16.93 4.36
C ALA A 181 -2.07 17.58 5.30
N VAL A 182 -2.54 18.07 6.43
CA VAL A 182 -1.66 18.68 7.42
C VAL A 182 -0.55 17.71 7.75
N ALA A 183 -0.91 16.52 8.20
CA ALA A 183 0.11 15.58 8.62
C ALA A 183 1.07 15.22 7.51
N GLY A 184 0.54 14.97 6.33
CA GLY A 184 1.39 14.66 5.19
C GLY A 184 2.32 15.77 4.78
N THR A 185 1.88 17.01 4.70
CA THR A 185 2.79 18.11 4.39
C THR A 185 3.78 18.32 5.51
N SER A 186 3.35 18.10 6.75
CA SER A 186 4.20 18.29 7.92
C SER A 186 5.38 17.35 8.03
N THR A 187 5.28 16.14 7.47
CA THR A 187 6.35 15.15 7.57
C THR A 187 7.61 15.61 6.92
N ILE A 188 7.49 16.56 6.00
CA ILE A 188 8.66 17.06 5.29
C ILE A 188 9.51 17.86 6.25
N PHE A 189 8.91 18.31 7.35
CA PHE A 189 9.65 19.09 8.33
C PHE A 189 9.78 18.29 9.61
N ALA A 190 10.08 17.01 9.51
CA ALA A 190 10.16 16.18 10.70
C ALA A 190 11.60 15.97 11.06
N PRO A 191 12.03 16.41 12.28
CA PRO A 191 13.47 16.24 12.50
C PRO A 191 13.99 14.84 12.82
N THR A 192 13.17 13.97 13.42
CA THR A 192 13.65 12.66 13.82
C THR A 192 12.74 11.57 13.29
N PHE A 193 13.24 10.34 13.23
CA PHE A 193 12.45 9.25 12.69
C PHE A 193 11.19 8.98 13.51
N VAL A 194 11.29 9.06 14.83
CA VAL A 194 10.12 8.87 15.67
C VAL A 194 9.01 9.80 15.22
N ILE A 195 9.33 11.09 15.07
CA ILE A 195 8.33 12.05 14.65
C ILE A 195 7.82 11.73 13.25
N TYR A 196 8.69 11.31 12.34
CA TYR A 196 8.23 10.91 11.00
C TYR A 196 7.24 9.77 11.11
N CYS A 197 7.57 8.73 11.86
CA CYS A 197 6.69 7.58 11.98
C CYS A 197 5.40 7.98 12.64
N GLY A 198 5.46 8.85 13.64
CA GLY A 198 4.26 9.35 14.27
C GLY A 198 3.38 10.13 13.34
N LEU A 199 3.95 10.98 12.51
CA LEU A 199 3.17 11.77 11.57
C LEU A 199 2.68 10.95 10.39
N ARG A 200 3.16 9.72 10.26
CA ARG A 200 2.64 8.84 9.21
C ARG A 200 1.49 8.05 9.81
N PHE A 201 1.47 7.86 11.12
CA PHE A 201 0.34 7.19 11.78
C PHE A 201 -0.85 8.13 11.69
N VAL A 202 -0.66 9.41 11.96
CA VAL A 202 -1.75 10.38 11.90
C VAL A 202 -2.28 10.48 10.48
N ALA A 203 -1.40 10.44 9.50
CA ALA A 203 -1.85 10.45 8.11
C ALA A 203 -2.65 9.22 7.78
N ALA A 204 -2.21 8.05 8.23
CA ALA A 204 -2.96 6.82 7.99
C ALA A 204 -4.27 6.81 8.76
N PHE A 205 -4.28 7.33 9.99
CA PHE A 205 -5.51 7.42 10.78
C PHE A 205 -6.52 8.20 9.98
N GLY A 206 -6.11 9.32 9.42
CA GLY A 206 -6.99 10.12 8.59
C GLY A 206 -7.44 9.44 7.33
N MET A 207 -6.55 8.72 6.68
CA MET A 207 -6.90 8.00 5.46
C MET A 207 -7.95 6.94 5.71
N ALA A 208 -7.95 6.34 6.89
CA ALA A 208 -8.97 5.36 7.20
C ALA A 208 -10.33 6.00 7.21
N GLY A 209 -10.42 7.21 7.72
CA GLY A 209 -11.68 7.93 7.75
C GLY A 209 -12.04 8.34 6.36
N ILE A 210 -11.07 8.58 5.49
CA ILE A 210 -11.43 8.89 4.09
C ILE A 210 -11.98 7.67 3.37
N PHE A 211 -11.37 6.51 3.56
CA PHE A 211 -11.84 5.28 2.91
C PHE A 211 -13.23 4.99 3.37
N LEU A 212 -13.48 5.09 4.67
CA LEU A 212 -14.79 4.79 5.21
C LEU A 212 -15.80 5.78 4.68
N SER A 213 -15.59 7.07 4.91
CA SER A 213 -16.56 8.06 4.48
C SER A 213 -16.84 8.07 2.99
N SER A 214 -15.80 7.99 2.17
CA SER A 214 -15.99 7.94 0.73
C SER A 214 -16.87 6.79 0.34
N LEU A 215 -16.46 5.56 0.64
CA LEU A 215 -17.28 4.39 0.31
C LEU A 215 -18.70 4.52 0.84
N THR A 216 -18.86 4.79 2.12
CA THR A 216 -20.19 4.87 2.71
C THR A 216 -21.09 5.91 2.03
N LEU A 217 -20.56 7.08 1.69
CA LEU A 217 -21.36 8.07 0.99
C LEU A 217 -21.76 7.61 -0.40
N MET A 218 -20.84 7.08 -1.18
CA MET A 218 -21.16 6.62 -2.52
C MET A 218 -22.13 5.45 -2.55
N VAL A 219 -21.92 4.46 -1.70
CA VAL A 219 -22.87 3.35 -1.62
C VAL A 219 -24.23 3.88 -1.25
N GLU A 220 -24.33 4.68 -0.18
CA GLU A 220 -25.64 5.14 0.30
C GLU A 220 -26.36 6.21 -0.51
N TRP A 221 -25.72 6.79 -1.52
CA TRP A 221 -26.43 7.75 -2.36
C TRP A 221 -26.68 7.18 -3.73
N THR A 222 -26.66 5.86 -3.85
CA THR A 222 -26.96 5.21 -5.12
C THR A 222 -27.90 4.07 -4.85
N THR A 223 -28.65 3.67 -5.86
CA THR A 223 -29.55 2.53 -5.71
C THR A 223 -28.74 1.26 -5.65
N THR A 224 -29.30 0.19 -5.11
CA THR A 224 -28.55 -1.06 -4.94
C THR A 224 -28.03 -1.65 -6.25
N SER A 225 -28.76 -1.53 -7.35
CA SER A 225 -28.21 -2.03 -8.62
C SER A 225 -26.88 -1.40 -9.01
N ARG A 226 -26.84 -0.08 -8.95
CA ARG A 226 -25.65 0.62 -9.34
C ARG A 226 -24.58 0.57 -8.25
N ARG A 227 -24.90 -0.05 -7.12
CA ARG A 227 -23.94 -0.12 -6.04
C ARG A 227 -22.69 -0.83 -6.51
N ALA A 228 -22.87 -1.93 -7.21
CA ALA A 228 -21.73 -2.70 -7.72
C ALA A 228 -20.88 -1.85 -8.65
N VAL A 229 -21.46 -1.44 -9.78
CA VAL A 229 -20.73 -0.66 -10.76
C VAL A 229 -19.92 0.42 -10.07
N THR A 230 -20.58 1.28 -9.31
CA THR A 230 -19.89 2.37 -8.62
C THR A 230 -18.64 1.85 -7.96
N MET A 231 -18.72 0.71 -7.30
CA MET A 231 -17.54 0.11 -6.67
C MET A 231 -16.47 -0.28 -7.69
N THR A 232 -16.88 -0.75 -8.86
CA THR A 232 -15.91 -1.07 -9.91
C THR A 232 -15.18 0.18 -10.35
N VAL A 233 -15.89 1.30 -10.51
CA VAL A 233 -15.24 2.55 -10.90
C VAL A 233 -14.28 3.03 -9.84
N VAL A 234 -14.67 2.96 -8.57
CA VAL A 234 -13.77 3.34 -7.48
C VAL A 234 -12.53 2.46 -7.52
N GLY A 235 -12.70 1.16 -7.74
CA GLY A 235 -11.58 0.26 -7.82
C GLY A 235 -10.65 0.57 -8.97
N CYS A 236 -11.20 0.92 -10.13
CA CYS A 236 -10.37 1.32 -11.26
C CYS A 236 -9.60 2.60 -10.98
N ALA A 237 -10.21 3.54 -10.26
CA ALA A 237 -9.52 4.77 -9.89
C ALA A 237 -8.35 4.48 -8.97
N PHE A 238 -8.49 3.53 -8.05
CA PHE A 238 -7.36 3.16 -7.20
C PHE A 238 -6.25 2.58 -8.02
N SER A 239 -6.57 1.75 -9.00
CA SER A 239 -5.56 1.15 -9.87
C SER A 239 -4.83 2.21 -10.66
N ALA A 240 -5.53 3.19 -11.18
CA ALA A 240 -4.87 4.27 -11.88
C ALA A 240 -3.97 5.02 -10.91
N GLY A 241 -4.40 5.12 -9.67
CA GLY A 241 -3.62 5.81 -8.66
C GLY A 241 -2.30 5.15 -8.38
N GLN A 242 -2.27 3.82 -8.33
CA GLN A 242 -1.03 3.09 -8.12
C GLN A 242 -0.10 3.34 -9.27
N ALA A 243 -0.64 3.33 -10.48
CA ALA A 243 0.17 3.59 -11.65
C ALA A 243 0.72 4.98 -11.63
N ALA A 244 -0.10 5.93 -11.22
CA ALA A 244 0.33 7.32 -11.20
C ALA A 244 1.43 7.58 -10.20
N LEU A 245 1.55 6.77 -9.17
CA LEU A 245 2.63 6.95 -8.21
C LEU A 245 3.96 6.74 -8.89
N GLY A 246 4.04 5.76 -9.79
CA GLY A 246 5.27 5.49 -10.46
C GLY A 246 5.64 6.70 -11.28
N GLY A 247 4.67 7.31 -11.92
CA GLY A 247 4.92 8.50 -12.72
C GLY A 247 5.31 9.69 -11.89
N LEU A 248 4.58 9.94 -10.81
CA LEU A 248 4.87 11.07 -9.93
C LEU A 248 6.26 10.90 -9.36
N ALA A 249 6.63 9.68 -8.97
CA ALA A 249 7.97 9.42 -8.48
C ALA A 249 9.04 9.63 -9.55
N PHE A 250 8.76 9.25 -10.78
CA PHE A 250 9.75 9.37 -11.83
C PHE A 250 10.09 10.82 -12.04
N ALA A 251 9.14 11.70 -11.73
CA ALA A 251 9.35 13.11 -11.96
C ALA A 251 9.96 13.77 -10.74
N LEU A 252 9.45 13.45 -9.57
CA LEU A 252 9.93 14.08 -8.35
C LEU A 252 10.77 13.17 -7.49
N ARG A 253 12.08 13.13 -7.76
CA ARG A 253 13.00 12.28 -6.99
C ARG A 253 13.15 12.63 -5.52
N ASP A 254 13.24 13.91 -5.19
CA ASP A 254 13.41 14.33 -3.79
C ASP A 254 12.27 13.86 -2.90
N TRP A 255 12.58 13.24 -1.77
CA TRP A 255 11.54 12.70 -0.93
C TRP A 255 10.60 13.77 -0.41
N ARG A 256 11.07 15.00 -0.25
CA ARG A 256 10.25 16.05 0.32
C ARG A 256 9.26 16.51 -0.72
N THR A 257 9.67 16.61 -1.98
CA THR A 257 8.76 16.98 -3.04
C THR A 257 7.72 15.90 -3.29
N LEU A 258 8.12 14.64 -3.22
CA LEU A 258 7.19 13.55 -3.41
C LEU A 258 6.14 13.53 -2.32
N GLN A 259 6.53 13.78 -1.08
CA GLN A 259 5.59 13.81 0.03
C GLN A 259 4.62 14.98 -0.08
N LEU A 260 5.11 16.15 -0.43
CA LEU A 260 4.22 17.29 -0.64
C LEU A 260 3.26 17.03 -1.79
N ALA A 261 3.75 16.46 -2.88
CA ALA A 261 2.90 16.23 -4.05
C ALA A 261 1.86 15.16 -3.83
N ALA A 262 2.06 14.30 -2.85
CA ALA A 262 1.09 13.25 -2.56
C ALA A 262 0.27 13.56 -1.34
N SER A 263 0.58 14.66 -0.67
CA SER A 263 -0.18 15.07 0.50
C SER A 263 -0.93 16.36 0.28
N VAL A 264 -0.25 17.37 -0.25
CA VAL A 264 -0.87 18.66 -0.50
C VAL A 264 -2.15 18.55 -1.31
N PRO A 265 -2.17 17.68 -2.32
CA PRO A 265 -3.38 17.64 -3.15
C PRO A 265 -4.63 17.38 -2.34
N PHE A 266 -4.50 17.05 -1.06
CA PHE A 266 -5.68 16.71 -0.26
C PHE A 266 -6.38 17.96 0.25
N PHE A 267 -5.63 19.01 0.54
CA PHE A 267 -6.28 20.25 0.94
C PHE A 267 -7.39 20.58 -0.06
N ALA A 268 -7.09 20.52 -1.36
CA ALA A 268 -8.10 20.78 -2.39
C ALA A 268 -9.30 19.85 -2.31
N ILE A 269 -9.05 18.57 -2.09
CA ILE A 269 -10.12 17.59 -1.98
C ILE A 269 -10.99 17.90 -0.78
N SER A 270 -10.39 18.37 0.31
CA SER A 270 -11.18 18.76 1.48
C SER A 270 -12.10 19.91 1.19
N LEU A 271 -11.64 20.88 0.40
CA LEU A 271 -12.47 22.04 0.08
C LEU A 271 -13.56 21.65 -0.91
N ILE A 272 -13.27 20.72 -1.81
CA ILE A 272 -14.26 20.25 -2.79
C ILE A 272 -15.09 19.08 -2.25
N SER A 273 -14.93 18.74 -0.97
CA SER A 273 -15.74 17.70 -0.38
C SER A 273 -16.87 18.34 0.40
N TRP A 274 -17.01 19.64 0.27
CA TRP A 274 -18.09 20.32 0.97
C TRP A 274 -19.40 20.19 0.22
N TRP A 275 -19.37 20.24 -1.11
CA TRP A 275 -20.60 20.19 -1.89
C TRP A 275 -21.35 18.89 -1.67
N LEU A 276 -20.64 17.77 -1.66
CA LEU A 276 -21.27 16.49 -1.40
C LEU A 276 -22.18 16.57 -0.19
N PRO A 277 -23.47 16.24 -0.37
CA PRO A 277 -24.41 16.28 0.75
C PRO A 277 -24.31 15.12 1.71
N GLU A 278 -24.81 15.28 2.92
CA GLU A 278 -24.73 14.22 3.94
C GLU A 278 -25.61 13.04 3.61
N SER A 279 -25.16 11.83 3.94
CA SER A 279 -25.93 10.62 3.65
C SER A 279 -27.33 10.69 4.18
N ALA A 280 -28.32 10.63 3.30
CA ALA A 280 -29.71 10.71 3.72
C ALA A 280 -30.03 9.57 4.65
N ARG A 281 -29.52 8.39 4.34
CA ARG A 281 -29.84 7.22 5.15
C ARG A 281 -29.38 7.44 6.57
N TRP A 282 -28.17 7.98 6.73
CA TRP A 282 -27.64 8.24 8.06
C TRP A 282 -28.55 9.20 8.78
N LEU A 283 -28.96 10.27 8.11
CA LEU A 283 -29.79 11.27 8.76
C LEU A 283 -31.08 10.66 9.29
N ILE A 284 -31.75 9.84 8.48
CA ILE A 284 -33.00 9.21 8.90
C ILE A 284 -32.81 8.27 10.07
N ILE A 285 -31.79 7.42 10.01
CA ILE A 285 -31.50 6.49 11.10
C ILE A 285 -31.11 7.28 12.34
N LYS A 286 -30.40 8.39 12.13
CA LYS A 286 -29.97 9.22 13.25
C LYS A 286 -31.19 9.74 13.98
N GLY A 287 -32.19 10.19 13.22
CA GLY A 287 -33.40 10.71 13.84
C GLY A 287 -33.84 12.03 13.25
N LYS A 288 -33.14 12.54 12.25
CA LYS A 288 -33.46 13.85 11.71
C LYS A 288 -34.15 13.82 10.36
N PRO A 289 -35.50 13.68 10.33
CA PRO A 289 -36.07 13.57 8.98
C PRO A 289 -36.06 14.89 8.24
N ASP A 290 -36.16 16.01 8.93
CA ASP A 290 -36.22 17.29 8.24
C ASP A 290 -34.95 17.57 7.47
N GLN A 291 -33.81 17.30 8.08
CA GLN A 291 -32.53 17.48 7.40
C GLN A 291 -32.43 16.52 6.23
N ALA A 292 -32.88 15.28 6.43
CA ALA A 292 -32.82 14.28 5.37
C ALA A 292 -33.69 14.70 4.22
N LEU A 293 -34.84 15.28 4.52
CA LEU A 293 -35.77 15.68 3.48
C LEU A 293 -35.11 16.73 2.60
N GLN A 294 -34.33 17.62 3.21
CA GLN A 294 -33.69 18.70 2.45
C GLN A 294 -32.68 18.17 1.46
N GLU A 295 -31.82 17.26 1.91
CA GLU A 295 -30.76 16.78 1.02
C GLU A 295 -31.32 16.07 -0.21
N LEU A 296 -32.32 15.22 -0.01
CA LEU A 296 -32.91 14.49 -1.12
C LEU A 296 -33.49 15.48 -2.11
N ARG A 297 -34.08 16.54 -1.58
CA ARG A 297 -34.65 17.56 -2.44
C ARG A 297 -33.56 18.21 -3.26
N LYS A 298 -32.39 18.41 -2.65
CA LYS A 298 -31.27 19.03 -3.35
C LYS A 298 -30.66 18.11 -4.40
N VAL A 299 -30.37 16.86 -4.02
CA VAL A 299 -29.85 15.91 -4.98
C VAL A 299 -30.79 15.85 -6.16
N ALA A 300 -32.09 15.91 -5.89
CA ALA A 300 -33.08 15.85 -6.95
C ALA A 300 -33.00 17.06 -7.84
N ARG A 301 -32.81 18.23 -7.23
CA ARG A 301 -32.65 19.44 -8.01
C ARG A 301 -31.44 19.29 -8.90
N ILE A 302 -30.39 18.69 -8.38
CA ILE A 302 -29.21 18.43 -9.20
C ILE A 302 -29.58 17.50 -10.34
N ARG A 345 -17.54 -21.76 7.97
CA ARG A 345 -17.22 -21.03 6.73
C ARG A 345 -16.46 -19.77 7.07
N SER A 346 -16.83 -19.16 8.18
CA SER A 346 -16.19 -17.91 8.55
C SER A 346 -14.71 -18.11 8.74
N CYS A 347 -14.30 -19.20 9.37
CA CYS A 347 -12.88 -19.38 9.63
C CYS A 347 -12.08 -19.50 8.35
N ALA A 348 -12.60 -20.26 7.39
CA ALA A 348 -11.90 -20.43 6.14
C ALA A 348 -11.80 -19.09 5.46
N MET A 349 -12.88 -18.33 5.51
CA MET A 349 -12.87 -17.05 4.85
C MET A 349 -11.84 -16.13 5.48
N LEU A 350 -11.74 -16.13 6.79
CA LEU A 350 -10.78 -15.28 7.48
C LEU A 350 -9.38 -15.67 7.08
N VAL A 351 -9.13 -16.98 7.03
CA VAL A 351 -7.79 -17.43 6.64
C VAL A 351 -7.46 -16.97 5.23
N VAL A 352 -8.40 -17.07 4.30
CA VAL A 352 -8.13 -16.54 2.97
C VAL A 352 -7.91 -15.04 2.91
N ASN A 353 -8.70 -14.26 3.64
CA ASN A 353 -8.61 -12.80 3.56
C ASN A 353 -7.33 -12.29 4.21
N PHE A 354 -6.88 -13.00 5.24
CA PHE A 354 -5.66 -12.63 5.92
C PHE A 354 -4.55 -12.98 4.98
N SER A 355 -4.54 -14.18 4.43
CA SER A 355 -3.43 -14.60 3.59
C SER A 355 -3.24 -13.73 2.38
N LEU A 356 -4.32 -13.40 1.70
CA LEU A 356 -4.20 -12.62 0.50
C LEU A 356 -3.59 -11.30 0.82
N LEU A 357 -3.99 -10.68 1.92
CA LEU A 357 -3.49 -9.35 2.23
C LEU A 357 -2.14 -9.35 2.96
N ILE A 358 -1.71 -10.48 3.51
CA ILE A 358 -0.39 -10.57 4.13
C ILE A 358 0.63 -10.88 3.07
N SER A 359 0.17 -11.19 1.87
CA SER A 359 1.07 -11.49 0.76
C SER A 359 0.98 -10.35 -0.20
N TYR A 360 -0.21 -9.80 -0.41
CA TYR A 360 -0.36 -8.62 -1.25
C TYR A 360 0.47 -7.49 -0.72
N TYR A 361 0.23 -7.10 0.52
CA TYR A 361 0.96 -5.94 1.03
C TYR A 361 2.44 -6.20 1.04
N GLY A 362 2.83 -7.42 1.33
CA GLY A 362 4.24 -7.75 1.24
C GLY A 362 4.82 -7.47 -0.12
N LEU A 363 4.15 -7.89 -1.19
CA LEU A 363 4.62 -7.61 -2.54
C LEU A 363 4.62 -6.12 -2.93
N VAL A 364 3.55 -5.40 -2.62
CA VAL A 364 3.46 -4.01 -3.02
C VAL A 364 4.36 -3.09 -2.21
N PHE A 365 4.80 -3.53 -1.03
CA PHE A 365 5.70 -2.74 -0.18
C PHE A 365 7.14 -3.13 -0.38
N ASP A 366 7.42 -4.02 -1.31
CA ASP A 366 8.78 -4.51 -1.50
C ASP A 366 9.14 -4.40 -2.96
N LEU A 367 8.83 -3.27 -3.59
CA LEU A 367 9.09 -3.12 -5.01
C LEU A 367 10.57 -3.25 -5.33
N GLN A 368 11.43 -2.73 -4.49
CA GLN A 368 12.86 -2.73 -4.84
C GLN A 368 13.48 -4.11 -4.80
N SER A 369 12.96 -4.99 -3.96
CA SER A 369 13.48 -6.35 -3.88
C SER A 369 13.00 -7.19 -5.05
N LEU A 370 11.88 -6.80 -5.65
CA LEU A 370 11.34 -7.54 -6.77
C LEU A 370 12.19 -7.30 -8.00
N GLY A 371 12.14 -6.09 -8.52
CA GLY A 371 12.93 -5.76 -9.70
C GLY A 371 13.69 -4.48 -9.50
N ARG A 372 14.79 -4.30 -10.24
CA ARG A 372 15.63 -3.12 -10.06
C ARG A 372 14.99 -1.79 -10.41
N ASP A 373 14.15 -1.76 -11.46
CA ASP A 373 13.47 -0.52 -11.79
C ASP A 373 12.19 -0.50 -11.01
N ILE A 374 12.09 0.41 -10.06
CA ILE A 374 10.90 0.48 -9.26
C ILE A 374 9.86 1.33 -9.95
N PHE A 375 10.30 2.33 -10.71
CA PHE A 375 9.36 3.22 -11.35
C PHE A 375 8.50 2.49 -12.36
N LEU A 376 9.13 1.68 -13.20
CA LEU A 376 8.39 0.91 -14.18
C LEU A 376 7.53 -0.05 -13.44
N LEU A 377 8.07 -0.71 -12.43
CA LEU A 377 7.30 -1.73 -11.74
C LEU A 377 6.04 -1.17 -11.12
N GLN A 378 6.07 -0.02 -10.46
CA GLN A 378 4.82 0.46 -9.85
C GLN A 378 3.76 0.75 -10.89
N ALA A 379 4.16 1.37 -11.98
CA ALA A 379 3.22 1.69 -13.04
C ALA A 379 2.63 0.43 -13.62
N LEU A 380 3.48 -0.57 -13.85
CA LEU A 380 3.01 -1.82 -14.41
C LEU A 380 2.07 -2.49 -13.45
N PHE A 381 2.33 -2.43 -12.15
CA PHE A 381 1.47 -3.03 -11.15
C PHE A 381 0.11 -2.39 -11.23
N GLY A 382 0.10 -1.08 -11.30
CA GLY A 382 -1.17 -0.39 -11.39
C GLY A 382 -1.92 -0.79 -12.63
N ALA A 383 -1.22 -0.92 -13.75
CA ALA A 383 -1.86 -1.37 -14.99
C ALA A 383 -2.38 -2.78 -15.00
N VAL A 384 -1.66 -3.72 -14.39
CA VAL A 384 -2.05 -5.11 -14.46
C VAL A 384 -3.27 -5.32 -13.64
N ASP A 385 -3.63 -4.32 -12.85
CA ASP A 385 -4.87 -4.47 -12.13
C ASP A 385 -6.07 -4.30 -13.05
N PHE A 386 -6.03 -3.32 -13.96
CA PHE A 386 -7.12 -3.13 -14.91
C PHE A 386 -7.26 -4.35 -15.78
N LEU A 387 -6.13 -4.88 -16.24
CA LEU A 387 -6.19 -6.02 -17.14
C LEU A 387 -6.80 -7.17 -16.39
N GLY A 388 -6.44 -7.34 -15.14
CA GLY A 388 -6.96 -8.44 -14.35
C GLY A 388 -8.45 -8.31 -14.19
N ARG A 389 -8.92 -7.12 -13.85
CA ARG A 389 -10.35 -6.94 -13.64
C ARG A 389 -11.08 -7.42 -14.88
N ALA A 390 -10.63 -6.95 -16.04
CA ALA A 390 -11.26 -7.34 -17.30
C ALA A 390 -11.17 -8.82 -17.61
N THR A 391 -10.01 -9.43 -17.39
CA THR A 391 -9.89 -10.87 -17.62
C THR A 391 -10.81 -11.60 -16.67
N THR A 392 -10.86 -11.16 -15.42
CA THR A 392 -11.67 -11.85 -14.42
C THR A 392 -13.02 -12.19 -14.99
N ALA A 393 -13.69 -11.28 -15.69
CA ALA A 393 -15.04 -11.58 -16.14
C ALA A 393 -15.12 -12.76 -17.09
N LEU A 394 -14.22 -12.80 -18.07
CA LEU A 394 -14.23 -13.89 -19.04
C LEU A 394 -13.91 -15.17 -18.31
N LEU A 395 -12.95 -15.12 -17.42
CA LEU A 395 -12.58 -16.31 -16.68
C LEU A 395 -13.78 -16.80 -15.89
N LEU A 396 -14.54 -15.87 -15.33
CA LEU A 396 -15.74 -16.23 -14.57
C LEU A 396 -16.88 -16.66 -15.47
N SER A 397 -16.82 -16.26 -16.74
CA SER A 397 -17.84 -16.68 -17.68
C SER A 397 -17.80 -18.19 -17.83
N PHE A 398 -16.59 -18.74 -17.87
CA PHE A 398 -16.45 -20.18 -18.04
C PHE A 398 -16.25 -20.89 -16.72
N LEU A 399 -15.27 -20.45 -15.94
CA LEU A 399 -14.99 -21.09 -14.66
C LEU A 399 -15.85 -20.52 -13.55
N GLY A 400 -15.62 -20.97 -12.31
CA GLY A 400 -16.42 -20.51 -11.20
C GLY A 400 -15.74 -19.63 -10.17
N ARG A 401 -16.51 -19.01 -9.30
CA ARG A 401 -15.96 -18.10 -8.29
C ARG A 401 -15.01 -18.76 -7.33
N ARG A 402 -15.07 -20.09 -7.24
CA ARG A 402 -14.12 -20.83 -6.41
C ARG A 402 -12.83 -21.32 -7.04
N THR A 403 -12.94 -21.85 -8.25
CA THR A 403 -11.76 -22.29 -8.97
C THR A 403 -10.87 -21.11 -9.31
N ILE A 404 -11.51 -20.05 -9.80
CA ILE A 404 -10.77 -18.85 -10.16
C ILE A 404 -10.03 -18.38 -8.94
N GLN A 405 -10.70 -18.22 -7.82
CA GLN A 405 -10.02 -17.70 -6.64
C GLN A 405 -8.81 -18.55 -6.30
N ALA A 406 -9.02 -19.85 -6.10
CA ALA A 406 -7.91 -20.70 -5.67
C ALA A 406 -6.81 -20.71 -6.69
N GLY A 407 -7.18 -20.86 -7.95
CA GLY A 407 -6.17 -20.94 -8.98
C GLY A 407 -5.40 -19.65 -9.04
N SER A 408 -6.08 -18.52 -8.96
CA SER A 408 -5.39 -17.24 -9.03
C SER A 408 -4.44 -17.07 -7.87
N GLN A 409 -4.87 -17.45 -6.67
CA GLN A 409 -4.01 -17.30 -5.51
C GLN A 409 -2.78 -18.16 -5.66
N ALA A 410 -2.98 -19.40 -6.09
CA ALA A 410 -1.86 -20.32 -6.25
C ALA A 410 -0.92 -19.75 -7.23
N MET A 411 -1.45 -19.21 -8.32
CA MET A 411 -0.60 -18.65 -9.36
C MET A 411 0.20 -17.48 -8.82
N ALA A 412 -0.39 -16.63 -8.00
CA ALA A 412 0.34 -15.52 -7.41
C ALA A 412 1.47 -15.99 -6.53
N GLY A 413 1.20 -17.01 -5.72
CA GLY A 413 2.24 -17.53 -4.86
C GLY A 413 3.36 -18.11 -5.68
N LEU A 414 3.01 -18.82 -6.75
CA LEU A 414 4.03 -19.42 -7.58
C LEU A 414 4.84 -18.33 -8.20
N ALA A 415 4.24 -17.24 -8.63
CA ALA A 415 4.96 -16.13 -9.20
C ALA A 415 5.91 -15.48 -8.21
N ILE A 416 5.48 -15.30 -6.97
CA ILE A 416 6.38 -14.75 -5.96
C ILE A 416 7.55 -15.70 -5.74
N LEU A 417 7.30 -17.01 -5.71
CA LEU A 417 8.39 -17.97 -5.57
C LEU A 417 9.33 -17.95 -6.75
N ALA A 418 8.80 -17.73 -7.94
CA ALA A 418 9.61 -17.71 -9.12
C ALA A 418 10.50 -16.51 -9.06
N ASN A 419 9.97 -15.39 -8.58
CA ASN A 419 10.84 -14.21 -8.60
C ASN A 419 12.08 -14.39 -7.75
N MET A 420 11.93 -14.96 -6.56
CA MET A 420 13.08 -15.11 -5.70
C MET A 420 14.09 -16.00 -6.40
N LEU A 421 13.61 -17.07 -7.01
CA LEU A 421 14.49 -17.96 -7.76
C LEU A 421 15.14 -17.36 -9.00
N VAL A 422 14.41 -16.56 -9.78
CA VAL A 422 14.95 -16.05 -11.04
C VAL A 422 16.18 -15.19 -10.81
N PRO A 423 17.21 -15.38 -11.65
CA PRO A 423 18.46 -14.64 -11.46
C PRO A 423 18.35 -13.15 -11.63
N GLN A 424 19.16 -12.39 -10.91
CA GLN A 424 19.10 -10.94 -10.95
C GLN A 424 19.37 -10.43 -12.36
N ASP A 425 20.26 -11.09 -13.07
CA ASP A 425 20.62 -10.64 -14.40
C ASP A 425 19.44 -10.59 -15.36
N LEU A 426 18.55 -11.57 -15.26
CA LEU A 426 17.37 -11.59 -16.12
C LEU A 426 16.28 -10.72 -15.55
N GLN A 427 16.45 -9.41 -15.66
CA GLN A 427 15.49 -8.47 -15.08
C GLN A 427 14.09 -8.52 -15.67
N THR A 428 13.97 -8.69 -16.99
CA THR A 428 12.65 -8.66 -17.60
C THR A 428 11.82 -9.79 -17.04
N LEU A 429 12.43 -10.95 -16.86
CA LEU A 429 11.72 -12.09 -16.31
C LEU A 429 11.26 -11.79 -14.90
N ARG A 430 12.13 -11.17 -14.10
CA ARG A 430 11.77 -10.85 -12.74
C ARG A 430 10.60 -9.88 -12.69
N VAL A 431 10.62 -8.87 -13.55
CA VAL A 431 9.52 -7.91 -13.60
C VAL A 431 8.23 -8.58 -14.05
N VAL A 432 8.31 -9.48 -15.03
CA VAL A 432 7.12 -10.14 -15.53
C VAL A 432 6.46 -10.98 -14.45
N PHE A 433 7.25 -11.71 -13.68
CA PHE A 433 6.69 -12.54 -12.64
C PHE A 433 6.02 -11.71 -11.55
N ALA A 434 6.64 -10.59 -11.17
CA ALA A 434 6.03 -9.72 -10.17
C ALA A 434 4.73 -9.14 -10.64
N VAL A 435 4.67 -8.69 -11.89
CA VAL A 435 3.45 -8.12 -12.45
C VAL A 435 2.38 -9.20 -12.54
N LEU A 436 2.77 -10.45 -12.80
CA LEU A 436 1.81 -11.56 -12.83
C LEU A 436 1.30 -11.81 -11.42
N GLY A 437 2.18 -11.69 -10.44
CA GLY A 437 1.77 -11.87 -9.06
C GLY A 437 0.77 -10.82 -8.66
N LYS A 438 1.02 -9.56 -9.00
CA LYS A 438 0.10 -8.47 -8.64
C LYS A 438 -1.23 -8.62 -9.33
N GLY A 439 -1.21 -9.00 -10.60
CA GLY A 439 -2.44 -9.20 -11.33
C GLY A 439 -3.25 -10.31 -10.69
N CYS A 440 -2.61 -11.43 -10.39
CA CYS A 440 -3.30 -12.55 -9.79
C CYS A 440 -3.87 -12.24 -8.42
N PHE A 441 -3.17 -11.47 -7.62
CA PHE A 441 -3.72 -11.06 -6.32
C PHE A 441 -4.97 -10.24 -6.58
N GLY A 442 -4.97 -9.46 -7.66
CA GLY A 442 -6.12 -8.66 -7.99
C GLY A 442 -7.29 -9.51 -8.43
N ILE A 443 -7.03 -10.62 -9.10
CA ILE A 443 -8.09 -11.52 -9.50
C ILE A 443 -8.68 -12.19 -8.27
N SER A 444 -7.83 -12.64 -7.35
CA SER A 444 -8.34 -13.23 -6.11
C SER A 444 -9.12 -12.26 -5.24
N LEU A 445 -8.62 -11.04 -5.06
CA LEU A 445 -9.34 -10.03 -4.27
C LEU A 445 -10.63 -9.57 -4.93
N THR A 446 -10.75 -9.65 -6.24
CA THR A 446 -12.05 -9.35 -6.88
C THR A 446 -13.00 -10.51 -6.61
N CYS A 447 -12.51 -11.72 -6.84
CA CYS A 447 -13.35 -12.89 -6.62
C CYS A 447 -13.77 -13.04 -5.18
N LEU A 448 -12.90 -12.74 -4.24
CA LEU A 448 -13.25 -12.88 -2.84
C LEU A 448 -14.38 -11.93 -2.54
N THR A 449 -14.31 -10.70 -3.03
CA THR A 449 -15.35 -9.72 -2.69
C THR A 449 -16.71 -10.23 -3.10
N ILE A 450 -16.84 -10.72 -4.33
CA ILE A 450 -18.12 -11.17 -4.81
C ILE A 450 -18.55 -12.31 -3.92
N TYR A 451 -17.65 -13.23 -3.69
CA TYR A 451 -17.96 -14.38 -2.88
C TYR A 451 -18.29 -13.99 -1.45
N LYS A 452 -17.59 -13.02 -0.90
CA LYS A 452 -17.81 -12.60 0.47
C LYS A 452 -19.25 -12.19 0.70
N ALA A 453 -19.72 -11.23 -0.09
CA ALA A 453 -21.07 -10.72 0.10
C ALA A 453 -22.10 -11.81 -0.12
N GLU A 454 -21.86 -12.66 -1.10
CA GLU A 454 -22.82 -13.72 -1.41
C GLU A 454 -23.00 -14.73 -0.28
N THR A 463 -21.91 -8.00 10.01
CA THR A 463 -21.03 -8.54 11.05
C THR A 463 -19.86 -9.29 10.44
N ALA A 464 -20.15 -10.27 9.61
CA ALA A 464 -19.08 -11.06 9.04
C ALA A 464 -18.16 -10.22 8.18
N ASP A 465 -18.71 -9.32 7.38
CA ASP A 465 -17.88 -8.51 6.50
C ASP A 465 -16.96 -7.66 7.35
N GLY A 466 -17.49 -7.08 8.42
CA GLY A 466 -16.68 -6.25 9.29
C GLY A 466 -15.56 -7.05 9.93
N ILE A 467 -15.86 -8.25 10.41
CA ILE A 467 -14.83 -9.07 11.01
C ILE A 467 -13.75 -9.41 9.99
N LEU A 468 -14.16 -9.73 8.77
CA LEU A 468 -13.19 -10.08 7.74
C LEU A 468 -12.30 -8.90 7.44
N HIS A 469 -12.88 -7.72 7.37
CA HIS A 469 -12.10 -6.53 7.09
C HIS A 469 -11.10 -6.26 8.20
N THR A 470 -11.52 -6.45 9.44
CA THR A 470 -10.61 -6.27 10.55
C THR A 470 -9.46 -7.27 10.44
N VAL A 471 -9.75 -8.52 10.07
CA VAL A 471 -8.70 -9.50 9.88
C VAL A 471 -7.81 -9.14 8.69
N GLY A 472 -8.42 -8.64 7.63
CA GLY A 472 -7.65 -8.23 6.48
C GLY A 472 -6.71 -7.09 6.80
N ARG A 473 -7.18 -6.12 7.56
CA ARG A 473 -6.31 -5.02 7.98
C ARG A 473 -5.19 -5.50 8.88
N LEU A 474 -5.46 -6.46 9.76
CA LEU A 474 -4.40 -7.02 10.59
C LEU A 474 -3.36 -7.69 9.70
N GLY A 475 -3.81 -8.34 8.64
CA GLY A 475 -2.88 -8.97 7.73
C GLY A 475 -2.03 -7.97 7.00
N ALA A 476 -2.60 -6.84 6.65
CA ALA A 476 -1.87 -5.82 5.93
C ALA A 476 -0.87 -5.15 6.82
N MET A 477 -1.00 -5.34 8.13
CA MET A 477 -0.07 -4.75 9.08
C MET A 477 0.98 -5.77 9.44
N MET A 478 0.74 -7.03 9.08
CA MET A 478 1.74 -8.06 9.36
C MET A 478 2.38 -8.49 8.06
N GLY A 479 2.09 -7.77 6.98
CA GLY A 479 2.72 -8.06 5.71
C GLY A 479 3.97 -7.25 5.58
N PRO A 480 3.87 -5.94 5.83
CA PRO A 480 5.08 -5.11 5.84
C PRO A 480 6.02 -5.51 6.96
N LEU A 481 5.55 -6.26 7.95
CA LEU A 481 6.39 -6.65 9.10
C LEU A 481 7.22 -7.89 8.84
N ILE A 482 6.73 -8.81 8.04
CA ILE A 482 7.52 -9.98 7.69
C ILE A 482 8.76 -9.54 6.93
N LEU A 483 8.68 -8.41 6.23
CA LEU A 483 9.85 -7.87 5.52
C LEU A 483 10.95 -7.43 6.48
N MET A 484 10.63 -7.24 7.76
CA MET A 484 11.66 -6.90 8.73
C MET A 484 12.58 -8.09 8.90
N SER A 485 12.13 -9.27 8.56
CA SER A 485 12.93 -10.48 8.77
C SER A 485 13.96 -10.75 7.70
N ARG A 486 14.10 -9.83 6.76
CA ARG A 486 15.04 -10.02 5.65
C ARG A 486 16.45 -10.04 6.17
N GLN A 487 16.69 -9.33 7.25
CA GLN A 487 18.03 -9.28 7.83
C GLN A 487 18.49 -10.68 8.17
N ALA A 488 17.69 -11.39 8.95
CA ALA A 488 18.07 -12.74 9.35
C ALA A 488 18.12 -13.68 8.15
N LEU A 489 16.99 -13.86 7.47
CA LEU A 489 16.94 -14.77 6.35
C LEU A 489 16.42 -14.06 5.11
N PRO A 490 17.29 -13.77 4.15
CA PRO A 490 16.80 -13.00 3.03
C PRO A 490 15.61 -13.66 2.35
N LEU A 491 15.62 -14.98 2.26
CA LEU A 491 14.56 -15.67 1.53
C LEU A 491 13.29 -15.81 2.35
N LEU A 492 13.36 -15.46 3.62
CA LEU A 492 12.20 -15.62 4.47
C LEU A 492 11.05 -14.84 3.91
N PRO A 493 11.27 -13.55 3.61
CA PRO A 493 10.07 -12.90 3.09
C PRO A 493 9.41 -13.56 1.87
N PRO A 494 10.13 -13.75 0.75
CA PRO A 494 9.40 -14.34 -0.38
C PRO A 494 8.84 -15.73 -0.12
N LEU A 495 9.58 -16.56 0.62
CA LEU A 495 9.10 -17.91 0.92
C LEU A 495 7.82 -17.89 1.73
N LEU A 496 7.71 -17.01 2.70
CA LEU A 496 6.47 -16.91 3.47
C LEU A 496 5.29 -16.46 2.63
N TYR A 497 5.44 -15.40 1.84
CA TYR A 497 4.36 -14.95 0.97
C TYR A 497 3.97 -16.06 0.01
N GLY A 498 4.94 -16.77 -0.53
CA GLY A 498 4.62 -17.84 -1.46
C GLY A 498 3.88 -18.98 -0.80
N VAL A 499 4.48 -19.55 0.25
CA VAL A 499 3.86 -20.69 0.89
C VAL A 499 2.50 -20.36 1.48
N ILE A 500 2.35 -19.20 2.09
CA ILE A 500 1.07 -18.81 2.66
C ILE A 500 0.01 -18.74 1.57
N SER A 501 0.37 -18.14 0.45
CA SER A 501 -0.59 -18.05 -0.64
C SER A 501 -0.96 -19.43 -1.12
N ILE A 502 0.01 -20.30 -1.30
CA ILE A 502 -0.33 -21.61 -1.84
C ILE A 502 -1.23 -22.35 -0.85
N ALA A 503 -0.97 -22.21 0.45
CA ALA A 503 -1.80 -22.83 1.47
C ALA A 503 -3.23 -22.33 1.48
N SER A 504 -3.41 -21.02 1.34
CA SER A 504 -4.76 -20.49 1.24
C SER A 504 -5.44 -21.00 -0.02
N SER A 505 -4.71 -21.11 -1.12
CA SER A 505 -5.29 -21.69 -2.32
C SER A 505 -5.95 -23.01 -2.03
N LEU A 506 -5.32 -23.86 -1.23
CA LEU A 506 -5.91 -25.14 -0.87
C LEU A 506 -7.15 -24.97 0.01
N VAL A 507 -7.11 -24.02 0.94
CA VAL A 507 -8.28 -23.76 1.77
C VAL A 507 -9.48 -23.30 0.94
N VAL A 508 -9.25 -22.41 -0.01
CA VAL A 508 -10.33 -21.99 -0.89
C VAL A 508 -10.89 -23.18 -1.63
N LEU A 509 -10.02 -24.05 -2.12
CA LEU A 509 -10.47 -25.18 -2.92
C LEU A 509 -11.27 -26.20 -2.14
N PHE A 510 -10.94 -26.40 -0.86
CA PHE A 510 -11.60 -27.45 -0.10
C PHE A 510 -12.75 -26.99 0.78
N PHE A 511 -12.65 -25.80 1.35
CA PHE A 511 -13.67 -25.37 2.30
C PHE A 511 -14.57 -24.23 1.83
N LEU A 512 -14.56 -23.92 0.55
CA LEU A 512 -15.48 -22.92 0.04
C LEU A 512 -16.38 -23.48 -1.05
N PRO A 513 -17.70 -23.25 -0.94
CA PRO A 513 -18.64 -23.69 -1.99
C PRO A 513 -18.87 -22.62 -3.06
N GLU A 514 -19.91 -22.77 -3.89
CA GLU A 514 -20.21 -21.79 -4.95
C GLU A 514 -21.46 -20.91 -4.74
#